data_6BFA
#
_entry.id   6BFA
#
_cell.length_a   48.124
_cell.length_b   72.655
_cell.length_c   65.746
_cell.angle_alpha   90.00
_cell.angle_beta   99.78
_cell.angle_gamma   90.00
#
_symmetry.space_group_name_H-M   'P 1 21 1'
#
loop_
_entity.id
_entity.type
_entity.pdbx_description
1 polymer 'Calmodulin-domain protein kinase 1'
2 non-polymer 1-{4-amino-3-[6-(cyclopropyloxy)naphthalen-2-yl]-1H-pyrazolo[3,4-d]pyrimidin-1-yl}-2-methylpropan-2-ol
3 water water
#
_entity_poly.entity_id   1
_entity_poly.type   'polypeptide(L)'
_entity_poly.pdbx_seq_one_letter_code
;GPGSMMDHLHATPGMFVQHSTAIFSDRYKGQRVLGKGSFGEVILCKDKITGQECAVKVISKRQVKQKTDKESLLREVQLL
KQLDHPNIMKLYEFFEDKGYFYLVGEVYTGGELFDEIISRKRFSEVDAARIIRQVLSGITYMHKNKIVHRDLKPENLLLE
SKSKDANIRIIDFGLSTHFEASKKMKDKIGTAYYIAPEVLHGTYDEKCDVWSTGVILYILLSGCPPFNGANEYDILKKVE
KGKYTFELPQWKKVSESAKDLIRKMLTYVPSMRISARDALDHEWIQTYTKEQISVDVPSLDNAILNIRQFQGTQKLAQAA
LLYMGSKLTSQDETKELTAIFHKMDKNGDGQLDRAELIEGYKELMRMKGQDASMLDASAVEHEVDQVLDAVDFDKNGYIE
YSEFVTVAMDRKTLLSRERLERAFRMFDSDNSGKISSTELATIFGVSDVDSETWKSVLSEVDKNNDGEVDFDEFQQMLLK
LCGN
;
_entity_poly.pdbx_strand_id   A
#
loop_
_chem_comp.id
_chem_comp.type
_chem_comp.name
_chem_comp.formula
UW5 non-polymer 1-{4-amino-3-[6-(cyclopropyloxy)naphthalen-2-yl]-1H-pyrazolo[3,4-d]pyrimidin-1-yl}-2-methylpropan-2-ol 'C22 H23 N5 O2'
#
# COMPACT_ATOMS: atom_id res chain seq x y z
N THR A 21 -26.07 -18.52 4.47
CA THR A 21 -24.90 -17.67 4.12
C THR A 21 -25.35 -16.35 3.46
N ALA A 22 -24.70 -15.25 3.86
CA ALA A 22 -24.96 -13.93 3.31
C ALA A 22 -24.05 -13.67 2.12
N ILE A 23 -24.61 -13.03 1.09
CA ILE A 23 -23.83 -12.65 -0.12
C ILE A 23 -23.46 -11.16 -0.08
N PHE A 24 -22.16 -10.91 -0.11
CA PHE A 24 -21.66 -9.56 0.01
C PHE A 24 -22.38 -8.52 -0.87
N SER A 25 -22.51 -8.82 -2.15
CA SER A 25 -23.02 -7.85 -3.12
C SER A 25 -24.54 -7.68 -3.04
N ASP A 26 -25.23 -8.53 -2.28
CA ASP A 26 -26.65 -8.30 -1.97
C ASP A 26 -26.78 -7.14 -1.00
N ARG A 27 -25.76 -6.89 -0.21
CA ARG A 27 -25.80 -5.84 0.79
C ARG A 27 -25.03 -4.57 0.41
N TYR A 28 -23.93 -4.72 -0.33
CA TYR A 28 -23.08 -3.60 -0.69
C TYR A 28 -22.93 -3.43 -2.19
N LYS A 29 -22.84 -2.18 -2.64
CA LYS A 29 -22.47 -1.88 -4.02
C LYS A 29 -21.10 -1.18 -4.01
N GLY A 30 -20.23 -1.58 -4.93
CA GLY A 30 -18.93 -0.92 -5.08
C GLY A 30 -19.07 0.45 -5.71
N GLN A 31 -18.42 1.44 -5.12
CA GLN A 31 -18.49 2.80 -5.60
C GLN A 31 -17.26 3.08 -6.42
N ARG A 32 -16.11 2.82 -5.83
CA ARG A 32 -14.83 3.14 -6.46
CA ARG A 32 -14.84 3.12 -6.47
C ARG A 32 -13.71 2.52 -5.63
N VAL A 33 -12.55 2.38 -6.27
CA VAL A 33 -11.38 1.77 -5.62
C VAL A 33 -10.67 2.79 -4.76
N LEU A 34 -10.32 2.40 -3.55
CA LEU A 34 -9.62 3.28 -2.62
C LEU A 34 -8.15 3.08 -2.72
N GLY A 35 -7.74 1.83 -2.81
CA GLY A 35 -6.37 1.53 -3.19
C GLY A 35 -6.14 0.04 -3.09
N LYS A 36 -4.87 -0.26 -3.12
CA LYS A 36 -4.37 -1.60 -3.15
C LYS A 36 -3.51 -1.74 -1.92
N GLY A 37 -3.86 -2.68 -1.05
CA GLY A 37 -3.18 -2.87 0.22
C GLY A 37 -2.60 -4.27 0.33
N SER A 38 -2.15 -4.60 1.53
CA SER A 38 -1.72 -5.94 1.82
C SER A 38 -2.89 -6.87 1.66
N PHE A 39 -2.64 -7.99 0.97
CA PHE A 39 -3.62 -9.07 0.77
C PHE A 39 -4.73 -8.76 -0.22
N GLY A 40 -4.92 -7.50 -0.63
CA GLY A 40 -5.81 -7.22 -1.74
C GLY A 40 -6.27 -5.80 -1.89
N GLU A 41 -7.31 -5.62 -2.70
CA GLU A 41 -7.81 -4.30 -2.99
C GLU A 41 -8.73 -3.84 -1.90
N VAL A 42 -8.75 -2.53 -1.66
CA VAL A 42 -9.73 -1.96 -0.80
C VAL A 42 -10.62 -1.13 -1.68
N ILE A 43 -11.92 -1.39 -1.56
CA ILE A 43 -12.95 -0.75 -2.35
C ILE A 43 -13.86 0.07 -1.45
N LEU A 44 -14.15 1.32 -1.82
CA LEU A 44 -15.20 2.07 -1.14
C LEU A 44 -16.55 1.50 -1.62
N CYS A 45 -17.36 1.08 -0.65
CA CYS A 45 -18.66 0.47 -0.86
C CYS A 45 -19.75 1.16 -0.09
N LYS A 46 -20.96 0.84 -0.47
CA LYS A 46 -22.10 1.48 0.10
C LYS A 46 -23.22 0.47 0.36
N ASP A 47 -23.79 0.52 1.55
CA ASP A 47 -24.91 -0.35 1.86
C ASP A 47 -26.08 0.02 0.96
N LYS A 48 -26.69 -0.95 0.28
CA LYS A 48 -27.80 -0.66 -0.65
C LYS A 48 -29.11 -0.25 0.00
N ILE A 49 -29.19 -0.27 1.32
CA ILE A 49 -30.40 0.13 1.99
C ILE A 49 -30.16 1.35 2.83
N THR A 50 -29.17 1.26 3.73
CA THR A 50 -28.91 2.30 4.71
C THR A 50 -28.01 3.41 4.18
N GLY A 51 -27.36 3.21 3.04
CA GLY A 51 -26.40 4.16 2.51
C GLY A 51 -25.07 4.28 3.23
N GLN A 52 -24.82 3.49 4.28
CA GLN A 52 -23.57 3.61 5.01
CA GLN A 52 -23.56 3.57 5.03
C GLN A 52 -22.40 3.22 4.10
N GLU A 53 -21.40 4.09 4.10
CA GLU A 53 -20.21 3.92 3.31
C GLU A 53 -19.26 3.09 4.10
N CYS A 54 -18.53 2.22 3.42
CA CYS A 54 -17.54 1.39 4.08
CA CYS A 54 -17.59 1.31 4.04
C CYS A 54 -16.36 1.09 3.15
N ALA A 55 -15.24 0.77 3.78
CA ALA A 55 -14.02 0.39 3.08
C ALA A 55 -13.91 -1.13 3.18
N VAL A 56 -14.00 -1.82 2.04
CA VAL A 56 -13.99 -3.26 2.02
C VAL A 56 -12.68 -3.80 1.46
N LYS A 57 -11.95 -4.55 2.26
CA LYS A 57 -10.75 -5.19 1.76
C LYS A 57 -11.16 -6.51 1.13
N VAL A 58 -10.85 -6.69 -0.14
CA VAL A 58 -11.22 -7.89 -0.87
C VAL A 58 -10.01 -8.78 -1.07
N ILE A 59 -10.04 -9.96 -0.45
CA ILE A 59 -8.89 -10.85 -0.46
C ILE A 59 -9.18 -12.01 -1.37
N SER A 60 -8.40 -12.07 -2.45
CA SER A 60 -8.57 -13.10 -3.47
C SER A 60 -7.99 -14.41 -2.99
N LYS A 61 -8.84 -15.41 -2.80
CA LYS A 61 -8.43 -16.73 -2.30
C LYS A 61 -7.34 -17.37 -3.13
N ARG A 62 -7.38 -17.11 -4.44
CA ARG A 62 -6.37 -17.64 -5.36
C ARG A 62 -4.99 -16.98 -5.24
N GLN A 63 -4.94 -15.69 -4.94
CA GLN A 63 -3.65 -14.98 -4.81
C GLN A 63 -3.09 -15.03 -3.40
N VAL A 64 -3.95 -15.28 -2.43
CA VAL A 64 -3.60 -15.23 -1.01
C VAL A 64 -4.05 -16.51 -0.33
N LYS A 65 -3.06 -17.31 0.02
CA LYS A 65 -3.29 -18.56 0.71
C LYS A 65 -3.55 -18.29 2.20
N GLN A 66 -4.45 -19.09 2.77
CA GLN A 66 -4.70 -19.12 4.22
C GLN A 66 -3.64 -19.91 4.97
N LYS A 67 -3.25 -19.40 6.14
CA LYS A 67 -2.34 -20.11 7.06
C LYS A 67 -3.09 -20.95 8.11
N THR A 68 -4.31 -20.52 8.45
CA THR A 68 -5.09 -21.15 9.52
C THR A 68 -6.28 -21.87 8.90
N ASP A 69 -7.10 -22.47 9.73
CA ASP A 69 -8.28 -23.15 9.19
C ASP A 69 -9.48 -22.24 9.33
N LYS A 70 -10.59 -22.65 8.74
CA LYS A 70 -11.77 -21.81 8.73
C LYS A 70 -12.22 -21.60 10.16
N GLU A 71 -12.09 -22.61 11.02
CA GLU A 71 -12.56 -22.48 12.39
C GLU A 71 -11.90 -21.27 13.01
N SER A 72 -10.58 -21.24 12.88
CA SER A 72 -9.73 -20.24 13.52
C SER A 72 -9.93 -18.83 12.95
N LEU A 73 -10.12 -18.74 11.64
CA LEU A 73 -10.37 -17.45 11.00
C LEU A 73 -11.68 -16.84 11.50
N LEU A 74 -12.73 -17.63 11.54
CA LEU A 74 -14.04 -17.13 11.95
C LEU A 74 -14.03 -16.68 13.39
N ARG A 75 -13.27 -17.35 14.23
CA ARG A 75 -13.17 -16.94 15.65
C ARG A 75 -12.49 -15.59 15.80
N GLU A 76 -11.41 -15.40 15.05
CA GLU A 76 -10.70 -14.15 15.10
C GLU A 76 -11.61 -13.02 14.60
N VAL A 77 -12.28 -13.27 13.47
CA VAL A 77 -13.22 -12.30 12.90
C VAL A 77 -14.26 -11.92 13.93
N GLN A 78 -14.83 -12.93 14.57
CA GLN A 78 -15.87 -12.67 15.55
C GLN A 78 -15.38 -11.83 16.71
N LEU A 79 -14.14 -12.06 17.12
CA LEU A 79 -13.50 -11.27 18.18
C LEU A 79 -13.25 -9.86 17.68
N LEU A 80 -12.55 -9.73 16.55
CA LEU A 80 -12.26 -8.42 15.95
C LEU A 80 -13.47 -7.49 15.84
N LYS A 81 -14.60 -8.05 15.49
CA LYS A 81 -15.83 -7.27 15.37
C LYS A 81 -16.26 -6.65 16.67
N GLN A 82 -15.87 -7.27 17.79
CA GLN A 82 -16.29 -6.84 19.11
C GLN A 82 -15.34 -5.86 19.78
N LEU A 83 -14.17 -5.68 19.22
CA LEU A 83 -13.16 -4.81 19.78
C LEU A 83 -13.40 -3.40 19.26
N ASP A 84 -13.17 -2.42 20.12
CA ASP A 84 -13.31 -1.02 19.80
C ASP A 84 -12.22 -0.26 20.52
N HIS A 85 -11.44 0.43 19.69
CA HIS A 85 -10.45 1.37 20.18
C HIS A 85 -10.25 2.47 19.16
N PRO A 86 -10.07 3.71 19.63
CA PRO A 86 -10.01 4.83 18.72
C PRO A 86 -8.87 4.77 17.69
N ASN A 87 -7.83 3.96 17.93
CA ASN A 87 -6.69 3.92 17.04
C ASN A 87 -6.59 2.66 16.24
N ILE A 88 -7.66 1.87 16.24
CA ILE A 88 -7.73 0.64 15.50
C ILE A 88 -8.87 0.73 14.50
N MET A 89 -8.61 0.34 13.26
CA MET A 89 -9.68 0.31 12.27
C MET A 89 -10.78 -0.60 12.74
N LYS A 90 -12.01 -0.12 12.61
CA LYS A 90 -13.16 -0.86 13.05
C LYS A 90 -13.57 -1.82 11.94
N LEU A 91 -13.73 -3.08 12.31
CA LEU A 91 -14.28 -4.09 11.42
C LEU A 91 -15.77 -4.29 11.72
N TYR A 92 -16.58 -4.25 10.71
CA TYR A 92 -18.01 -4.33 10.86
C TYR A 92 -18.51 -5.67 10.44
N GLU A 93 -18.04 -6.16 9.29
CA GLU A 93 -18.64 -7.36 8.70
C GLU A 93 -17.59 -8.19 7.97
N PHE A 94 -17.91 -9.47 7.80
CA PHE A 94 -17.03 -10.38 7.12
C PHE A 94 -17.79 -11.31 6.24
N PHE A 95 -17.39 -11.41 4.97
CA PHE A 95 -18.09 -12.28 4.01
C PHE A 95 -17.11 -13.14 3.28
N GLU A 96 -17.61 -14.25 2.75
CA GLU A 96 -16.81 -15.21 2.04
C GLU A 96 -17.69 -15.75 0.93
N ASP A 97 -17.15 -15.81 -0.27
CA ASP A 97 -17.75 -16.64 -1.31
C ASP A 97 -16.68 -17.54 -1.86
N LYS A 98 -17.01 -18.21 -2.94
CA LYS A 98 -16.10 -19.11 -3.63
C LYS A 98 -14.71 -18.58 -3.81
N GLY A 99 -14.60 -17.35 -4.27
CA GLY A 99 -13.33 -16.84 -4.73
C GLY A 99 -12.65 -15.83 -3.86
N TYR A 100 -13.37 -15.32 -2.84
CA TYR A 100 -12.88 -14.22 -2.03
C TYR A 100 -13.35 -14.17 -0.59
N PHE A 101 -12.61 -13.38 0.19
CA PHE A 101 -13.05 -12.90 1.48
C PHE A 101 -13.24 -11.41 1.38
N TYR A 102 -14.25 -10.89 2.06
CA TYR A 102 -14.57 -9.47 2.03
C TYR A 102 -14.61 -8.95 3.46
N LEU A 103 -13.67 -8.07 3.80
CA LEU A 103 -13.60 -7.53 5.14
C LEU A 103 -14.11 -6.11 5.11
N VAL A 104 -15.19 -5.87 5.83
CA VAL A 104 -15.87 -4.61 5.72
C VAL A 104 -15.63 -3.77 6.93
N GLY A 105 -15.02 -2.61 6.71
CA GLY A 105 -14.62 -1.75 7.79
C GLY A 105 -14.99 -0.32 7.54
N GLU A 106 -14.67 0.50 8.51
CA GLU A 106 -15.00 1.89 8.46
C GLU A 106 -14.09 2.54 7.44
N VAL A 107 -14.55 3.57 6.74
CA VAL A 107 -13.69 4.28 5.79
C VAL A 107 -13.10 5.51 6.44
N TYR A 108 -11.81 5.71 6.23
CA TYR A 108 -11.08 6.91 6.69
C TYR A 108 -10.47 7.66 5.51
N THR A 109 -10.51 8.98 5.60
CA THR A 109 -10.29 9.83 4.44
C THR A 109 -9.08 10.74 4.57
N GLY A 110 -8.30 10.60 5.64
CA GLY A 110 -7.13 11.43 5.90
C GLY A 110 -5.83 10.99 5.24
N GLY A 111 -5.87 9.81 4.63
CA GLY A 111 -4.70 9.27 3.93
C GLY A 111 -3.66 8.67 4.84
N GLU A 112 -2.54 8.30 4.26
CA GLU A 112 -1.46 7.72 5.05
C GLU A 112 -0.74 8.82 5.82
N LEU A 113 -0.37 8.49 7.04
CA LEU A 113 0.24 9.42 7.95
C LEU A 113 1.42 10.22 7.33
N PHE A 114 2.35 9.49 6.75
CA PHE A 114 3.58 10.10 6.22
C PHE A 114 3.28 11.06 5.07
N ASP A 115 2.22 10.80 4.31
CA ASP A 115 1.85 11.69 3.23
C ASP A 115 1.31 12.97 3.81
N GLU A 116 0.68 12.90 4.98
CA GLU A 116 0.29 14.09 5.71
C GLU A 116 1.48 14.78 6.33
N ILE A 117 2.37 14.03 6.94
CA ILE A 117 3.53 14.65 7.59
C ILE A 117 4.39 15.46 6.62
N ILE A 118 4.62 14.93 5.43
CA ILE A 118 5.51 15.62 4.49
C ILE A 118 4.89 16.90 3.94
N SER A 119 3.58 17.09 4.11
CA SER A 119 2.93 18.33 3.70
C SER A 119 3.13 19.45 4.72
N ARG A 120 3.60 19.12 5.92
CA ARG A 120 3.87 20.13 6.93
C ARG A 120 5.17 20.85 6.59
N LYS A 121 5.34 22.09 7.06
CA LYS A 121 6.69 22.72 7.04
C LYS A 121 7.30 22.79 8.42
N ARG A 122 6.52 22.42 9.45
CA ARG A 122 7.00 22.37 10.82
C ARG A 122 6.63 21.00 11.46
N PHE A 123 7.59 20.39 12.16
CA PHE A 123 7.35 19.07 12.79
C PHE A 123 8.30 18.86 13.96
N SER A 124 7.77 18.63 15.16
CA SER A 124 8.62 18.56 16.34
C SER A 124 8.48 17.25 17.09
N GLU A 125 9.35 17.04 18.09
CA GLU A 125 9.22 15.86 18.98
C GLU A 125 7.83 15.76 19.60
N VAL A 126 7.16 16.89 19.80
CA VAL A 126 5.79 16.93 20.31
C VAL A 126 4.80 16.28 19.33
N ASP A 127 4.96 16.62 18.06
CA ASP A 127 4.18 16.02 16.99
C ASP A 127 4.43 14.53 16.91
N ALA A 128 5.70 14.13 16.99
CA ALA A 128 6.06 12.70 16.94
C ALA A 128 5.53 11.89 18.11
N ALA A 129 5.48 12.49 19.28
CA ALA A 129 5.04 11.83 20.49
C ALA A 129 3.54 11.71 20.49
N ARG A 130 2.85 12.72 19.96
CA ARG A 130 1.41 12.61 19.77
C ARG A 130 1.10 11.40 18.92
N ILE A 131 1.82 11.33 17.81
CA ILE A 131 1.65 10.26 16.85
C ILE A 131 1.93 8.91 17.48
N ILE A 132 3.10 8.75 18.06
CA ILE A 132 3.50 7.46 18.59
C ILE A 132 2.65 7.04 19.80
N ARG A 133 2.19 8.00 20.59
CA ARG A 133 1.32 7.65 21.72
C ARG A 133 0.01 7.00 21.24
N GLN A 134 -0.50 7.44 20.11
CA GLN A 134 -1.72 6.86 19.57
C GLN A 134 -1.44 5.46 19.15
N VAL A 135 -0.34 5.29 18.43
CA VAL A 135 0.02 3.99 17.90
C VAL A 135 0.18 2.99 19.05
N LEU A 136 0.96 3.38 20.06
CA LEU A 136 1.18 2.54 21.22
C LEU A 136 -0.12 2.27 21.95
N SER A 137 -1.02 3.23 21.98
CA SER A 137 -2.31 3.03 22.64
C SER A 137 -3.17 1.99 21.94
N GLY A 138 -3.11 1.99 20.61
CA GLY A 138 -3.81 1.01 19.82
C GLY A 138 -3.16 -0.34 19.97
N ILE A 139 -1.85 -0.36 19.90
CA ILE A 139 -1.15 -1.63 20.02
C ILE A 139 -1.38 -2.27 21.38
N THR A 140 -1.32 -1.47 22.42
CA THR A 140 -1.48 -1.98 23.77
C THR A 140 -2.82 -2.67 23.91
N TYR A 141 -3.86 -2.02 23.41
CA TYR A 141 -5.20 -2.56 23.46
C TYR A 141 -5.32 -3.88 22.74
N MET A 142 -4.75 -3.96 21.54
CA MET A 142 -4.82 -5.19 20.74
C MET A 142 -4.04 -6.32 21.37
N HIS A 143 -2.88 -5.99 21.95
CA HIS A 143 -2.09 -7.00 22.61
C HIS A 143 -2.81 -7.55 23.85
N LYS A 144 -3.54 -6.70 24.58
CA LYS A 144 -4.35 -7.18 25.69
C LYS A 144 -5.30 -8.24 25.24
N ASN A 145 -5.78 -8.12 24.01
CA ASN A 145 -6.74 -9.09 23.44
C ASN A 145 -6.07 -10.16 22.56
N LYS A 146 -4.76 -10.26 22.71
CA LYS A 146 -3.93 -11.28 22.13
C LYS A 146 -3.96 -11.31 20.61
N ILE A 147 -4.03 -10.10 20.02
CA ILE A 147 -3.89 -9.92 18.57
C ILE A 147 -2.57 -9.21 18.28
N VAL A 148 -1.84 -9.74 17.30
CA VAL A 148 -0.56 -9.20 16.91
C VAL A 148 -0.72 -8.63 15.50
N HIS A 149 0.00 -7.57 15.18
CA HIS A 149 -0.07 -7.06 13.82
C HIS A 149 0.92 -7.80 12.97
N ARG A 150 2.20 -7.65 13.33
CA ARG A 150 3.34 -8.28 12.67
C ARG A 150 3.87 -7.55 11.43
N ASP A 151 2.99 -6.89 10.70
CA ASP A 151 3.38 -6.20 9.51
C ASP A 151 3.17 -4.74 9.65
N LEU A 152 3.50 -4.21 10.82
CA LEU A 152 3.20 -2.81 11.11
C LEU A 152 4.19 -1.98 10.38
N LYS A 153 3.70 -0.94 9.70
CA LYS A 153 4.52 -0.02 8.93
C LYS A 153 3.73 1.23 8.57
N PRO A 154 4.40 2.25 8.01
CA PRO A 154 3.70 3.54 7.87
C PRO A 154 2.46 3.47 7.02
N GLU A 155 2.45 2.64 5.97
CA GLU A 155 1.20 2.39 5.16
C GLU A 155 -0.01 1.99 5.99
N ASN A 156 0.24 1.30 7.09
CA ASN A 156 -0.81 0.81 7.93
C ASN A 156 -1.29 1.85 8.92
N LEU A 157 -0.73 3.05 8.89
CA LEU A 157 -1.21 4.13 9.70
C LEU A 157 -1.99 5.14 8.87
N LEU A 158 -3.31 5.13 9.02
CA LEU A 158 -4.18 6.07 8.31
C LEU A 158 -4.62 7.17 9.23
N LEU A 159 -4.97 8.31 8.66
CA LEU A 159 -5.57 9.39 9.44
C LEU A 159 -7.06 9.36 9.24
N GLU A 160 -7.79 9.49 10.34
CA GLU A 160 -9.25 9.39 10.31
C GLU A 160 -9.87 10.27 9.27
N SER A 161 -9.43 11.51 9.21
CA SER A 161 -9.92 12.45 8.23
C SER A 161 -8.82 13.40 7.86
N LYS A 162 -9.15 14.39 7.05
CA LYS A 162 -8.13 15.29 6.52
C LYS A 162 -7.74 16.39 7.49
N SER A 163 -8.47 16.49 8.60
CA SER A 163 -8.14 17.47 9.62
C SER A 163 -6.70 17.35 10.05
N LYS A 164 -6.21 18.43 10.66
CA LYS A 164 -4.86 18.49 11.21
C LYS A 164 -4.72 17.64 12.48
N ASP A 165 -5.78 17.68 13.29
CA ASP A 165 -5.85 17.01 14.60
C ASP A 165 -6.31 15.55 14.51
N ALA A 166 -6.39 14.99 13.30
CA ALA A 166 -7.02 13.70 13.06
C ALA A 166 -6.37 12.55 13.84
N ASN A 167 -7.19 11.65 14.39
CA ASN A 167 -6.65 10.45 15.03
C ASN A 167 -6.02 9.51 14.01
N ILE A 168 -5.12 8.66 14.49
CA ILE A 168 -4.49 7.60 13.69
C ILE A 168 -5.33 6.33 13.84
N ARG A 169 -5.51 5.59 12.76
CA ARG A 169 -6.21 4.33 12.77
C ARG A 169 -5.29 3.32 12.14
N ILE A 170 -4.95 2.27 12.88
CA ILE A 170 -4.03 1.26 12.40
C ILE A 170 -4.87 0.28 11.64
N ILE A 171 -4.45 -0.05 10.44
CA ILE A 171 -5.17 -1.01 9.63
C ILE A 171 -4.45 -2.33 9.62
N ASP A 172 -5.21 -3.39 9.41
CA ASP A 172 -4.69 -4.73 9.16
C ASP A 172 -4.22 -5.50 10.39
N PHE A 173 -4.65 -5.04 11.54
CA PHE A 173 -4.35 -5.72 12.77
C PHE A 173 -4.98 -7.10 12.69
N GLY A 174 -4.16 -8.15 12.80
CA GLY A 174 -4.65 -9.52 12.88
C GLY A 174 -4.63 -10.32 11.60
N LEU A 175 -4.52 -9.68 10.45
CA LEU A 175 -4.62 -10.45 9.19
C LEU A 175 -3.43 -11.34 8.92
N SER A 176 -2.26 -10.89 9.34
CA SER A 176 -1.02 -11.62 9.11
C SER A 176 -1.02 -13.03 9.64
N THR A 177 -1.74 -13.23 10.72
CA THR A 177 -1.85 -14.51 11.35
C THR A 177 -2.61 -15.51 10.50
N HIS A 178 -3.47 -15.06 9.62
CA HIS A 178 -4.39 -15.97 8.92
C HIS A 178 -4.14 -16.05 7.44
N PHE A 179 -3.41 -15.07 6.90
CA PHE A 179 -3.12 -15.05 5.51
C PHE A 179 -1.63 -14.90 5.28
N GLU A 180 -1.17 -15.57 4.23
CA GLU A 180 0.21 -15.60 3.85
C GLU A 180 0.46 -14.43 2.93
N ALA A 181 1.48 -13.65 3.23
CA ALA A 181 1.75 -12.45 2.45
C ALA A 181 2.26 -12.78 1.04
N SER A 182 1.90 -11.93 0.08
CA SER A 182 2.43 -11.98 -1.30
C SER A 182 3.96 -12.00 -1.30
N LYS A 183 4.55 -12.78 -2.20
CA LYS A 183 6.00 -12.69 -2.39
C LYS A 183 6.39 -11.80 -3.57
N LYS A 184 5.39 -11.15 -4.19
CA LYS A 184 5.61 -10.18 -5.26
C LYS A 184 6.17 -8.84 -4.74
N MET A 185 7.21 -8.33 -5.40
CA MET A 185 7.92 -7.15 -4.88
C MET A 185 7.00 -5.91 -4.79
N LYS A 186 6.13 -5.77 -5.78
CA LYS A 186 5.11 -4.71 -5.80
C LYS A 186 4.27 -4.63 -4.54
N ASP A 187 4.22 -5.75 -3.81
CA ASP A 187 3.44 -5.87 -2.59
C ASP A 187 4.29 -5.77 -1.33
N LYS A 188 5.60 -5.93 -1.43
CA LYS A 188 6.44 -5.93 -0.23
C LYS A 188 7.48 -4.80 -0.17
N ILE A 189 7.36 -3.84 -1.07
CA ILE A 189 8.14 -2.62 -1.02
C ILE A 189 7.97 -1.97 0.33
N GLY A 190 9.10 -1.61 0.91
CA GLY A 190 9.09 -0.99 2.21
C GLY A 190 8.52 -1.89 3.30
N THR A 191 8.65 -3.21 3.19
CA THR A 191 8.32 -4.11 4.30
C THR A 191 9.55 -4.39 5.14
N ALA A 192 10.71 -4.48 4.48
CA ALA A 192 11.94 -4.89 5.14
C ALA A 192 12.36 -3.94 6.23
N TYR A 193 12.02 -2.67 6.10
CA TYR A 193 12.56 -1.72 7.05
C TYR A 193 11.99 -1.92 8.42
N TYR A 194 10.79 -2.51 8.52
CA TYR A 194 10.02 -2.47 9.75
C TYR A 194 9.85 -3.78 10.49
N ILE A 195 10.29 -4.84 9.86
CA ILE A 195 10.07 -6.18 10.40
CA ILE A 195 10.08 -6.20 10.40
C ILE A 195 11.04 -6.48 11.55
N ALA A 196 10.53 -7.04 12.64
CA ALA A 196 11.37 -7.38 13.79
C ALA A 196 12.17 -8.62 13.46
N PRO A 197 13.42 -8.68 13.92
CA PRO A 197 14.32 -9.74 13.56
C PRO A 197 13.79 -11.16 13.88
N GLU A 198 13.09 -11.31 15.01
CA GLU A 198 12.53 -12.60 15.41
C GLU A 198 11.47 -13.08 14.43
N VAL A 199 10.83 -12.19 13.71
CA VAL A 199 9.89 -12.57 12.67
C VAL A 199 10.58 -13.28 11.53
N LEU A 200 11.79 -12.83 11.21
CA LEU A 200 12.59 -13.45 10.16
C LEU A 200 12.93 -14.89 10.50
N HIS A 201 13.14 -15.18 11.78
CA HIS A 201 13.62 -16.49 12.20
C HIS A 201 12.54 -17.41 12.65
N GLY A 202 11.33 -16.89 12.85
CA GLY A 202 10.14 -17.70 13.01
C GLY A 202 9.50 -17.77 14.40
N THR A 203 10.22 -17.37 15.43
CA THR A 203 9.68 -17.47 16.77
C THR A 203 9.40 -16.05 17.18
N TYR A 204 8.13 -15.64 17.13
CA TYR A 204 7.83 -14.26 17.49
C TYR A 204 6.58 -14.19 18.28
N ASP A 205 6.42 -13.10 19.00
CA ASP A 205 5.24 -12.76 19.77
C ASP A 205 4.93 -11.27 19.59
N GLU A 206 4.05 -10.75 20.44
CA GLU A 206 3.55 -9.41 20.28
C GLU A 206 4.61 -8.35 20.38
N LYS A 207 5.74 -8.66 21.00
CA LYS A 207 6.83 -7.68 21.04
C LYS A 207 7.33 -7.25 19.64
N CYS A 208 7.11 -8.06 18.61
CA CYS A 208 7.47 -7.63 17.26
C CYS A 208 6.81 -6.31 16.84
N ASP A 209 5.62 -6.02 17.38
CA ASP A 209 4.95 -4.75 17.08
C ASP A 209 5.58 -3.54 17.74
N VAL A 210 6.25 -3.75 18.85
CA VAL A 210 6.97 -2.68 19.53
C VAL A 210 8.20 -2.28 18.72
N TRP A 211 8.89 -3.30 18.22
CA TRP A 211 10.06 -3.08 17.37
C TRP A 211 9.62 -2.28 16.15
N SER A 212 8.56 -2.73 15.46
CA SER A 212 8.11 -2.04 14.26
C SER A 212 7.81 -0.57 14.55
N THR A 213 7.26 -0.35 15.73
CA THR A 213 6.88 1.00 16.14
C THR A 213 8.11 1.82 16.40
N GLY A 214 9.12 1.17 16.97
CA GLY A 214 10.39 1.80 17.23
C GLY A 214 11.04 2.20 15.93
N VAL A 215 10.91 1.39 14.88
CA VAL A 215 11.52 1.77 13.63
C VAL A 215 10.83 3.00 13.11
N ILE A 216 9.50 3.00 13.17
CA ILE A 216 8.72 4.15 12.73
C ILE A 216 9.08 5.42 13.49
N LEU A 217 9.20 5.33 14.82
CA LEU A 217 9.69 6.46 15.62
C LEU A 217 11.07 6.96 15.18
N TYR A 218 12.01 6.07 14.94
CA TYR A 218 13.35 6.46 14.54
C TYR A 218 13.21 7.35 13.30
N ILE A 219 12.38 6.88 12.38
CA ILE A 219 12.18 7.57 11.12
C ILE A 219 11.53 8.96 11.34
N LEU A 220 10.60 9.06 12.28
CA LEU A 220 9.92 10.32 12.51
C LEU A 220 10.86 11.41 13.01
N LEU A 221 11.83 11.02 13.83
CA LEU A 221 12.81 11.95 14.43
C LEU A 221 14.10 12.17 13.64
N SER A 222 14.41 11.30 12.69
CA SER A 222 15.60 11.44 11.83
C SER A 222 15.30 11.49 10.32
N GLY A 223 14.18 10.90 9.92
CA GLY A 223 13.82 10.78 8.52
C GLY A 223 14.60 9.75 7.73
N CYS A 224 15.40 8.93 8.41
CA CYS A 224 16.08 7.81 7.79
C CYS A 224 15.73 6.52 8.55
N PRO A 225 15.55 5.40 7.82
CA PRO A 225 15.41 4.09 8.43
C PRO A 225 16.64 3.76 9.25
N PRO A 226 16.44 3.14 10.41
CA PRO A 226 17.62 2.75 11.16
C PRO A 226 18.38 1.63 10.49
N PHE A 227 17.66 0.75 9.80
CA PHE A 227 18.26 -0.36 9.06
C PHE A 227 18.05 -0.16 7.61
N ASN A 228 19.14 0.08 6.91
CA ASN A 228 19.06 0.51 5.54
C ASN A 228 20.07 -0.16 4.64
N GLY A 229 19.85 -0.07 3.34
CA GLY A 229 20.64 -0.80 2.39
C GLY A 229 20.08 -0.62 1.01
N ALA A 230 20.80 -1.16 0.02
CA ALA A 230 20.56 -0.85 -1.40
C ALA A 230 19.43 -1.68 -2.04
N ASN A 231 19.07 -2.76 -1.37
CA ASN A 231 18.06 -3.65 -1.86
C ASN A 231 17.42 -4.35 -0.66
N GLU A 232 16.39 -5.13 -0.94
CA GLU A 232 15.65 -5.73 0.13
C GLU A 232 16.54 -6.60 1.01
N TYR A 233 17.37 -7.41 0.41
CA TYR A 233 18.14 -8.33 1.20
C TYR A 233 19.21 -7.69 2.06
N ASP A 234 19.83 -6.59 1.60
CA ASP A 234 20.77 -5.85 2.45
C ASP A 234 20.11 -5.21 3.65
N ILE A 235 18.87 -4.74 3.47
CA ILE A 235 18.10 -4.18 4.58
C ILE A 235 17.88 -5.27 5.61
N LEU A 236 17.43 -6.43 5.16
CA LEU A 236 17.20 -7.58 6.05
C LEU A 236 18.46 -8.01 6.77
N LYS A 237 19.60 -7.94 6.11
CA LYS A 237 20.84 -8.36 6.74
C LYS A 237 21.19 -7.43 7.91
N LYS A 238 20.92 -6.14 7.72
CA LYS A 238 21.10 -5.15 8.76
C LYS A 238 20.12 -5.36 9.89
N VAL A 239 18.86 -5.62 9.58
CA VAL A 239 17.83 -5.87 10.60
C VAL A 239 18.22 -7.03 11.46
N GLU A 240 18.68 -8.08 10.82
CA GLU A 240 18.92 -9.32 11.52
C GLU A 240 20.11 -9.18 12.46
N LYS A 241 21.11 -8.40 12.08
CA LYS A 241 22.19 -8.07 13.02
C LYS A 241 21.72 -7.15 14.13
N GLY A 242 20.80 -6.26 13.84
CA GLY A 242 20.14 -5.48 14.87
C GLY A 242 20.88 -4.23 15.25
N LYS A 243 21.99 -3.94 14.61
CA LYS A 243 22.77 -2.74 14.97
C LYS A 243 22.34 -1.51 14.21
N TYR A 244 22.23 -0.43 14.94
CA TYR A 244 21.92 0.84 14.36
C TYR A 244 22.65 1.90 15.18
N THR A 245 22.58 3.14 14.71
CA THR A 245 23.28 4.23 15.37
C THR A 245 22.51 5.55 15.36
N PHE A 246 22.96 6.45 16.22
CA PHE A 246 22.40 7.79 16.34
C PHE A 246 23.43 8.84 15.92
N GLU A 247 24.39 8.47 15.07
CA GLU A 247 25.48 9.36 14.71
C GLU A 247 25.13 10.23 13.53
N LEU A 248 23.89 10.16 13.08
CA LEU A 248 23.44 11.09 12.05
C LEU A 248 23.40 12.48 12.69
N PRO A 249 23.83 13.51 11.96
CA PRO A 249 23.92 14.82 12.56
C PRO A 249 22.62 15.29 13.21
N GLN A 250 21.49 14.94 12.60
CA GLN A 250 20.18 15.42 13.07
C GLN A 250 19.71 14.82 14.39
N TRP A 251 20.42 13.83 14.92
CA TRP A 251 20.12 13.35 16.28
C TRP A 251 20.61 14.27 17.39
N LYS A 252 21.54 15.17 17.07
CA LYS A 252 22.05 16.13 18.04
C LYS A 252 20.94 17.02 18.55
N LYS A 253 19.95 17.29 17.70
CA LYS A 253 18.77 18.10 18.06
C LYS A 253 17.68 17.38 18.86
N VAL A 254 17.85 16.07 19.08
CA VAL A 254 16.78 15.22 19.64
C VAL A 254 17.01 14.91 21.09
N SER A 255 15.95 14.97 21.88
CA SER A 255 16.02 14.70 23.30
C SER A 255 16.64 13.33 23.56
N GLU A 256 17.39 13.27 24.66
CA GLU A 256 17.93 12.01 25.16
C GLU A 256 16.82 11.00 25.48
N SER A 257 15.70 11.53 25.97
CA SER A 257 14.56 10.77 26.39
C SER A 257 13.97 9.92 25.24
N ALA A 258 13.91 10.54 24.08
CA ALA A 258 13.37 9.90 22.91
C ALA A 258 14.30 8.75 22.50
N LYS A 259 15.60 9.05 22.46
CA LYS A 259 16.60 8.01 22.12
C LYS A 259 16.54 6.81 23.06
N ASP A 260 16.12 7.06 24.28
CA ASP A 260 16.12 6.04 25.28
C ASP A 260 14.98 5.09 25.04
N LEU A 261 13.84 5.67 24.70
CA LEU A 261 12.67 4.86 24.37
C LEU A 261 13.02 4.06 23.10
N ILE A 262 13.68 4.69 22.13
CA ILE A 262 14.03 4.00 20.91
C ILE A 262 14.85 2.78 21.23
N ARG A 263 15.90 2.90 22.04
CA ARG A 263 16.75 1.76 22.37
C ARG A 263 15.97 0.63 22.98
N LYS A 264 14.99 0.98 23.78
CA LYS A 264 14.18 0.01 24.45
C LYS A 264 13.21 -0.69 23.50
N MET A 265 12.73 0.03 22.51
CA MET A 265 11.85 -0.57 21.49
C MET A 265 12.64 -1.42 20.51
N LEU A 266 13.86 -1.00 20.20
CA LEU A 266 14.73 -1.73 19.29
C LEU A 266 15.65 -2.68 20.03
N THR A 267 15.21 -3.20 21.16
CA THR A 267 16.04 -4.16 21.87
C THR A 267 15.93 -5.50 21.15
N TYR A 268 17.06 -6.16 20.91
CA TYR A 268 17.11 -7.31 20.02
C TYR A 268 16.27 -8.47 20.53
N VAL A 269 16.57 -8.87 21.78
CA VAL A 269 15.93 -10.01 22.39
C VAL A 269 14.55 -9.57 22.90
N PRO A 270 13.50 -10.21 22.37
CA PRO A 270 12.14 -9.74 22.67
C PRO A 270 11.75 -9.69 24.14
N SER A 271 12.22 -10.66 24.93
CA SER A 271 11.90 -10.69 26.36
C SER A 271 12.52 -9.49 27.08
N MET A 272 13.52 -8.86 26.48
CA MET A 272 14.14 -7.69 27.09
C MET A 272 13.58 -6.39 26.52
N ARG A 273 12.79 -6.48 25.46
CA ARG A 273 12.27 -5.29 24.78
C ARG A 273 11.13 -4.79 25.59
N ILE A 274 10.97 -3.46 25.63
CA ILE A 274 9.85 -2.83 26.34
C ILE A 274 8.52 -3.27 25.79
N SER A 275 7.53 -3.37 26.65
CA SER A 275 6.20 -3.71 26.21
C SER A 275 5.58 -2.44 25.64
N ALA A 276 4.52 -2.64 24.84
CA ALA A 276 3.75 -1.52 24.34
C ALA A 276 3.24 -0.71 25.51
N ARG A 277 2.66 -1.39 26.47
CA ARG A 277 2.03 -0.73 27.60
C ARG A 277 3.03 0.12 28.38
N ASP A 278 4.21 -0.44 28.66
CA ASP A 278 5.23 0.31 29.36
C ASP A 278 5.75 1.44 28.54
N ALA A 279 5.81 1.28 27.22
CA ALA A 279 6.29 2.37 26.38
C ALA A 279 5.43 3.61 26.57
N LEU A 280 4.14 3.39 26.76
CA LEU A 280 3.21 4.48 27.03
C LEU A 280 3.56 5.27 28.27
N ASP A 281 4.05 4.61 29.29
CA ASP A 281 4.55 5.30 30.51
C ASP A 281 5.92 5.93 30.44
N HIS A 282 6.62 5.76 29.34
CA HIS A 282 8.00 6.20 29.28
C HIS A 282 8.04 7.73 29.38
N GLU A 283 9.04 8.23 30.10
CA GLU A 283 9.25 9.68 30.32
C GLU A 283 8.99 10.53 29.06
N TRP A 284 9.52 10.09 27.92
CA TRP A 284 9.41 10.79 26.63
C TRP A 284 7.99 10.99 26.21
N ILE A 285 7.17 9.95 26.36
CA ILE A 285 5.75 10.04 26.02
C ILE A 285 5.04 10.91 27.03
N GLN A 286 5.39 10.76 28.30
CA GLN A 286 4.77 11.56 29.37
C GLN A 286 5.10 13.05 29.20
N THR A 287 6.35 13.36 28.84
CA THR A 287 6.83 14.74 28.68
C THR A 287 6.31 15.52 27.47
N TYR A 288 6.34 14.91 26.29
CA TYR A 288 6.10 15.61 25.02
C TYR A 288 4.66 15.53 24.53
N THR A 289 3.80 14.87 25.29
CA THR A 289 2.39 14.79 24.93
C THR A 289 1.54 15.66 25.83
N LYS A 290 2.15 16.35 26.79
CA LYS A 290 1.43 17.38 27.52
C LYS A 290 1.17 18.56 26.58
N GLU A 291 -0.12 18.73 26.23
CA GLU A 291 -0.59 19.69 25.19
C GLU A 291 -0.04 21.11 25.34
N GLN A 292 0.42 21.43 26.55
CA GLN A 292 0.97 22.74 26.83
C GLN A 292 2.44 22.80 27.27
N ILE A 293 3.03 21.74 27.80
CA ILE A 293 4.37 22.00 28.29
C ILE A 293 5.39 21.79 27.18
N SER A 294 5.44 22.78 26.29
CA SER A 294 6.37 22.80 25.17
C SER A 294 7.64 23.58 25.57
N VAL A 295 8.42 23.00 26.47
CA VAL A 295 9.57 23.70 27.04
C VAL A 295 10.67 24.00 26.01
N ASP A 296 10.99 23.03 25.16
CA ASP A 296 11.89 23.26 24.07
C ASP A 296 11.26 22.53 22.93
N VAL A 297 10.84 23.24 21.89
CA VAL A 297 10.21 22.56 20.78
C VAL A 297 10.84 23.04 19.52
N PRO A 298 12.05 22.62 19.26
CA PRO A 298 12.50 22.98 17.93
C PRO A 298 11.86 22.11 16.88
N SER A 299 11.89 22.61 15.66
CA SER A 299 11.35 21.93 14.51
C SER A 299 12.47 21.13 13.87
N LEU A 300 12.16 19.89 13.50
CA LEU A 300 13.15 18.93 13.05
C LEU A 300 13.22 18.99 11.55
N ASP A 301 13.82 20.07 11.07
CA ASP A 301 13.81 20.39 9.65
C ASP A 301 14.49 19.36 8.76
N ASN A 302 15.66 18.90 9.17
CA ASN A 302 16.36 17.89 8.40
C ASN A 302 15.49 16.61 8.29
N ALA A 303 14.92 16.20 9.42
CA ALA A 303 14.10 15.02 9.46
C ALA A 303 12.96 15.04 8.44
N ILE A 304 12.26 16.16 8.39
CA ILE A 304 11.06 16.28 7.55
C ILE A 304 11.46 16.19 6.08
N LEU A 305 12.62 16.71 5.78
CA LEU A 305 13.11 16.68 4.43
C LEU A 305 13.63 15.30 4.05
N ASN A 306 14.27 14.61 4.99
CA ASN A 306 14.65 13.22 4.78
C ASN A 306 13.42 12.34 4.58
N ILE A 307 12.38 12.58 5.37
CA ILE A 307 11.13 11.81 5.23
C ILE A 307 10.48 12.09 3.88
N ARG A 308 10.45 13.34 3.44
CA ARG A 308 9.93 13.66 2.11
C ARG A 308 10.74 12.97 1.02
N GLN A 309 12.06 12.86 1.19
CA GLN A 309 12.87 12.15 0.22
C GLN A 309 12.52 10.68 0.28
N PHE A 310 12.44 10.15 1.49
CA PHE A 310 12.18 8.77 1.70
C PHE A 310 10.85 8.39 1.07
N GLN A 311 9.85 9.18 1.38
CA GLN A 311 8.49 8.89 0.94
C GLN A 311 8.37 8.95 -0.58
N GLY A 312 8.94 9.97 -1.19
CA GLY A 312 8.87 10.13 -2.66
C GLY A 312 9.54 8.97 -3.34
N THR A 313 10.69 8.58 -2.81
CA THR A 313 11.39 7.38 -3.28
C THR A 313 10.50 6.13 -3.22
N GLN A 314 9.91 5.85 -2.07
CA GLN A 314 9.09 4.66 -1.91
C GLN A 314 7.92 4.65 -2.89
N LYS A 315 7.29 5.82 -3.02
CA LYS A 315 6.12 5.92 -3.86
C LYS A 315 6.44 5.79 -5.33
N LEU A 316 7.59 6.29 -5.76
CA LEU A 316 7.98 6.12 -7.17
C LEU A 316 8.34 4.69 -7.49
N ALA A 317 9.01 4.02 -6.57
CA ALA A 317 9.37 2.62 -6.79
C ALA A 317 8.11 1.78 -6.89
N GLN A 318 7.19 2.03 -5.98
CA GLN A 318 5.90 1.35 -5.97
C GLN A 318 5.18 1.55 -7.29
N ALA A 319 5.15 2.81 -7.75
CA ALA A 319 4.44 3.16 -8.95
C ALA A 319 5.08 2.51 -10.17
N ALA A 320 6.40 2.44 -10.17
CA ALA A 320 7.10 1.78 -11.28
C ALA A 320 6.70 0.30 -11.37
N LEU A 321 6.74 -0.39 -10.24
CA LEU A 321 6.34 -1.80 -10.23
C LEU A 321 4.88 -2.04 -10.63
N LEU A 322 3.97 -1.15 -10.24
CA LEU A 322 2.56 -1.32 -10.63
C LEU A 322 2.34 -0.95 -12.10
N TYR A 323 3.11 0.01 -12.59
CA TYR A 323 3.13 0.29 -14.00
C TYR A 323 3.54 -0.95 -14.78
N MET A 324 4.63 -1.60 -14.41
CA MET A 324 5.07 -2.79 -15.14
C MET A 324 4.03 -3.90 -15.02
N GLY A 325 3.51 -4.10 -13.83
CA GLY A 325 2.44 -5.05 -13.60
C GLY A 325 1.23 -4.80 -14.48
N SER A 326 0.80 -3.54 -14.58
CA SER A 326 -0.33 -3.17 -15.44
C SER A 326 -0.05 -3.42 -16.89
N LYS A 327 1.15 -3.13 -17.30
CA LYS A 327 1.49 -3.42 -18.67
C LYS A 327 1.48 -4.96 -18.92
N LEU A 328 1.94 -5.77 -17.97
CA LEU A 328 1.89 -7.20 -18.20
C LEU A 328 0.46 -7.74 -18.23
N THR A 329 -0.38 -7.28 -17.30
CA THR A 329 -1.82 -7.58 -17.30
C THR A 329 -2.47 -7.24 -18.64
N SER A 330 -2.20 -6.05 -19.17
CA SER A 330 -2.86 -5.63 -20.37
C SER A 330 -2.41 -6.47 -21.55
N GLN A 331 -1.17 -6.98 -21.55
CA GLN A 331 -0.81 -8.00 -22.56
C GLN A 331 -1.69 -9.22 -22.43
N ASP A 332 -1.74 -9.79 -21.23
CA ASP A 332 -2.57 -10.97 -20.94
C ASP A 332 -4.04 -10.73 -21.39
N GLU A 333 -4.68 -9.73 -20.78
CA GLU A 333 -6.10 -9.51 -20.96
C GLU A 333 -6.53 -9.17 -22.41
N THR A 334 -5.72 -8.35 -23.10
CA THR A 334 -5.96 -8.01 -24.52
C THR A 334 -6.07 -9.28 -25.38
N LYS A 335 -5.07 -10.14 -25.27
CA LYS A 335 -5.07 -11.39 -26.00
C LYS A 335 -6.26 -12.28 -25.63
N GLU A 336 -6.59 -12.36 -24.34
CA GLU A 336 -7.64 -13.29 -23.86
C GLU A 336 -9.02 -12.80 -24.31
N LEU A 337 -9.18 -11.48 -24.27
CA LEU A 337 -10.44 -10.85 -24.60
C LEU A 337 -10.74 -10.95 -26.08
N THR A 338 -9.68 -10.76 -26.85
CA THR A 338 -9.76 -10.88 -28.29
C THR A 338 -10.15 -12.33 -28.67
N ALA A 339 -9.52 -13.33 -28.04
CA ALA A 339 -9.86 -14.74 -28.29
C ALA A 339 -11.28 -15.06 -27.87
N ILE A 340 -11.74 -14.47 -26.78
CA ILE A 340 -13.15 -14.67 -26.32
C ILE A 340 -14.14 -14.04 -27.31
N PHE A 341 -13.84 -12.82 -27.76
CA PHE A 341 -14.70 -12.14 -28.72
C PHE A 341 -14.67 -12.80 -30.07
N HIS A 342 -13.48 -13.20 -30.49
CA HIS A 342 -13.32 -13.93 -31.75
C HIS A 342 -14.24 -15.15 -31.76
N LYS A 343 -14.22 -15.94 -30.70
CA LYS A 343 -15.05 -17.14 -30.67
C LYS A 343 -16.54 -16.86 -30.57
N MET A 344 -16.90 -15.73 -29.98
CA MET A 344 -18.29 -15.32 -29.89
C MET A 344 -18.79 -14.80 -31.25
N ASP A 345 -17.86 -14.34 -32.09
CA ASP A 345 -18.17 -13.77 -33.38
C ASP A 345 -18.49 -14.88 -34.36
N LYS A 346 -19.77 -15.25 -34.41
CA LYS A 346 -20.23 -16.36 -35.27
C LYS A 346 -20.32 -15.92 -36.71
N ASN A 347 -20.64 -14.64 -36.91
CA ASN A 347 -20.60 -14.04 -38.24
C ASN A 347 -19.21 -14.07 -38.87
N GLY A 348 -18.17 -13.84 -38.06
CA GLY A 348 -16.82 -13.65 -38.57
C GLY A 348 -16.60 -12.24 -39.12
N ASP A 349 -17.58 -11.36 -38.94
CA ASP A 349 -17.51 -10.02 -39.49
C ASP A 349 -16.74 -9.05 -38.58
N GLY A 350 -16.36 -9.51 -37.41
CA GLY A 350 -15.64 -8.69 -36.43
C GLY A 350 -16.51 -7.77 -35.59
N GLN A 351 -17.84 -7.93 -35.67
CA GLN A 351 -18.81 -7.10 -34.94
C GLN A 351 -19.50 -7.91 -33.87
N LEU A 352 -19.91 -7.23 -32.80
CA LEU A 352 -20.68 -7.87 -31.75
C LEU A 352 -21.67 -6.87 -31.15
N ASP A 353 -22.78 -7.38 -30.63
CA ASP A 353 -23.69 -6.50 -29.90
C ASP A 353 -23.23 -6.33 -28.42
N ARG A 354 -23.89 -5.38 -27.76
CA ARG A 354 -23.64 -5.02 -26.35
C ARG A 354 -23.65 -6.20 -25.37
N ALA A 355 -24.71 -7.02 -25.40
CA ALA A 355 -24.86 -8.18 -24.49
C ALA A 355 -23.71 -9.17 -24.61
N GLU A 356 -23.23 -9.36 -25.84
CA GLU A 356 -22.12 -10.26 -26.10
C GLU A 356 -20.84 -9.66 -25.56
N LEU A 357 -20.61 -8.36 -25.81
CA LEU A 357 -19.47 -7.64 -25.23
C LEU A 357 -19.50 -7.81 -23.71
N ILE A 358 -20.66 -7.59 -23.12
CA ILE A 358 -20.80 -7.78 -21.68
C ILE A 358 -20.49 -9.23 -21.28
N GLU A 359 -21.02 -10.20 -22.02
CA GLU A 359 -20.83 -11.63 -21.71
C GLU A 359 -19.35 -12.07 -21.74
N GLY A 360 -18.63 -11.66 -22.77
CA GLY A 360 -17.21 -11.98 -22.88
C GLY A 360 -16.36 -11.28 -21.83
N TYR A 361 -16.68 -10.03 -21.55
CA TYR A 361 -16.02 -9.25 -20.50
C TYR A 361 -16.24 -9.89 -19.12
N LYS A 362 -17.46 -10.37 -18.88
CA LYS A 362 -17.75 -11.20 -17.68
C LYS A 362 -17.00 -12.53 -17.73
N GLU A 363 -16.92 -13.13 -18.91
CA GLU A 363 -16.15 -14.36 -19.10
C GLU A 363 -14.67 -14.09 -18.81
N LEU A 364 -14.20 -12.89 -19.17
CA LEU A 364 -12.85 -12.48 -18.84
C LEU A 364 -12.69 -12.42 -17.33
N MET A 365 -13.59 -11.70 -16.67
CA MET A 365 -13.58 -11.63 -15.21
C MET A 365 -13.73 -13.04 -14.63
N ARG A 366 -14.57 -13.86 -15.25
CA ARG A 366 -14.72 -15.27 -14.84
C ARG A 366 -13.34 -15.93 -14.68
N MET A 367 -12.48 -15.66 -15.65
CA MET A 367 -11.09 -16.16 -15.66
C MET A 367 -10.08 -15.33 -14.86
N LYS A 368 -10.06 -14.03 -15.14
CA LYS A 368 -9.05 -13.13 -14.58
C LYS A 368 -9.14 -13.08 -13.05
N GLY A 369 -10.25 -12.56 -12.53
CA GLY A 369 -10.46 -12.42 -11.09
C GLY A 369 -9.46 -11.51 -10.36
N GLN A 370 -8.83 -10.59 -11.09
CA GLN A 370 -7.96 -9.56 -10.48
C GLN A 370 -8.70 -8.23 -10.37
N ASP A 371 -10.03 -8.26 -10.50
CA ASP A 371 -10.81 -7.04 -10.64
C ASP A 371 -11.95 -6.99 -9.63
N ALA A 372 -11.55 -6.70 -8.40
CA ALA A 372 -12.47 -6.56 -7.29
C ALA A 372 -13.45 -5.40 -7.49
N SER A 373 -13.12 -4.43 -8.33
CA SER A 373 -14.06 -3.34 -8.62
C SER A 373 -15.33 -3.81 -9.36
N MET A 374 -15.27 -5.00 -9.98
CA MET A 374 -16.38 -5.53 -10.76
C MET A 374 -17.14 -6.55 -9.95
N LEU A 375 -17.70 -6.08 -8.85
CA LEU A 375 -18.22 -6.95 -7.79
C LEU A 375 -19.49 -7.69 -8.15
N ASP A 376 -20.27 -7.15 -9.08
CA ASP A 376 -21.43 -7.86 -9.63
C ASP A 376 -21.55 -7.62 -11.13
N ALA A 377 -22.54 -8.27 -11.73
CA ALA A 377 -22.94 -8.04 -13.12
C ALA A 377 -23.25 -6.56 -13.40
N SER A 378 -23.83 -5.88 -12.42
CA SER A 378 -24.12 -4.46 -12.52
C SER A 378 -22.85 -3.60 -12.75
N ALA A 379 -21.74 -3.95 -12.09
CA ALA A 379 -20.45 -3.25 -12.25
C ALA A 379 -19.89 -3.41 -13.66
N VAL A 380 -20.08 -4.61 -14.20
CA VAL A 380 -19.53 -4.94 -15.51
C VAL A 380 -20.26 -4.18 -16.59
N GLU A 381 -21.59 -4.24 -16.54
CA GLU A 381 -22.45 -3.55 -17.50
C GLU A 381 -22.09 -2.08 -17.63
N HIS A 382 -21.80 -1.44 -16.50
CA HIS A 382 -21.46 -0.04 -16.48
C HIS A 382 -20.06 0.28 -16.98
N GLU A 383 -19.09 -0.60 -16.74
CA GLU A 383 -17.75 -0.45 -17.34
C GLU A 383 -17.85 -0.57 -18.86
N VAL A 384 -18.50 -1.64 -19.32
CA VAL A 384 -18.78 -1.80 -20.72
C VAL A 384 -19.47 -0.54 -21.27
N ASP A 385 -20.48 -0.03 -20.55
CA ASP A 385 -21.19 1.18 -20.99
C ASP A 385 -20.29 2.40 -21.03
N GLN A 386 -19.41 2.57 -20.04
CA GLN A 386 -18.36 3.61 -20.12
C GLN A 386 -17.58 3.53 -21.44
N VAL A 387 -17.23 2.31 -21.86
CA VAL A 387 -16.47 2.10 -23.08
C VAL A 387 -17.33 2.31 -24.33
N LEU A 388 -18.57 1.82 -24.33
CA LEU A 388 -19.45 1.99 -25.49
C LEU A 388 -19.82 3.48 -25.71
N ASP A 389 -19.94 4.22 -24.62
CA ASP A 389 -20.11 5.66 -24.69
C ASP A 389 -18.82 6.27 -25.18
N ALA A 390 -17.70 5.80 -24.62
CA ALA A 390 -16.35 6.22 -25.05
C ALA A 390 -15.98 5.78 -26.45
N VAL A 391 -16.77 4.92 -27.08
CA VAL A 391 -16.49 4.47 -28.44
C VAL A 391 -16.70 5.72 -29.33
N ASP A 392 -16.51 6.90 -28.73
CA ASP A 392 -17.04 8.16 -29.24
C ASP A 392 -18.50 8.01 -29.70
N PHE A 393 -18.72 7.98 -31.04
CA PHE A 393 -20.06 8.04 -31.64
C PHE A 393 -20.60 6.64 -31.95
N ASP A 394 -21.89 6.48 -31.70
CA ASP A 394 -22.49 5.15 -31.50
C ASP A 394 -23.48 4.71 -32.55
N LYS A 395 -23.16 3.56 -33.15
CA LYS A 395 -24.11 2.79 -33.93
C LYS A 395 -24.54 1.60 -33.10
N ASN A 396 -25.85 1.40 -32.95
CA ASN A 396 -26.34 0.38 -32.01
C ASN A 396 -26.80 -0.93 -32.67
N GLY A 397 -26.14 -2.02 -32.24
CA GLY A 397 -26.38 -3.37 -32.71
C GLY A 397 -25.11 -4.09 -33.08
N TYR A 398 -24.21 -3.40 -33.78
CA TYR A 398 -23.05 -4.00 -34.43
C TYR A 398 -21.83 -3.14 -34.13
N ILE A 399 -20.99 -3.65 -33.25
CA ILE A 399 -19.88 -2.90 -32.64
C ILE A 399 -18.55 -3.61 -33.00
N GLU A 400 -17.52 -2.84 -33.38
CA GLU A 400 -16.21 -3.40 -33.87
C GLU A 400 -15.36 -3.94 -32.72
N TYR A 401 -15.48 -5.24 -32.39
CA TYR A 401 -14.91 -5.75 -31.11
C TYR A 401 -13.45 -5.30 -30.92
N SER A 402 -12.68 -5.30 -32.01
CA SER A 402 -11.30 -4.76 -32.05
C SER A 402 -11.05 -3.45 -31.29
N GLU A 403 -11.85 -2.43 -31.58
CA GLU A 403 -11.64 -1.10 -30.99
C GLU A 403 -12.06 -1.07 -29.54
N PHE A 404 -13.14 -1.78 -29.21
CA PHE A 404 -13.60 -1.85 -27.85
C PHE A 404 -12.41 -2.20 -27.05
N VAL A 405 -11.95 -3.43 -27.26
CA VAL A 405 -10.85 -4.04 -26.57
C VAL A 405 -9.67 -3.08 -26.49
N THR A 406 -9.47 -2.30 -27.52
CA THR A 406 -8.38 -1.37 -27.46
C THR A 406 -8.65 -0.40 -26.35
N VAL A 407 -9.82 0.19 -26.35
CA VAL A 407 -10.17 1.15 -25.35
C VAL A 407 -10.51 0.56 -24.01
N ALA A 408 -11.05 -0.63 -23.98
CA ALA A 408 -11.38 -1.23 -22.68
C ALA A 408 -10.10 -1.54 -21.93
N MET A 409 -9.08 -2.00 -22.64
CA MET A 409 -7.80 -2.30 -22.03
C MET A 409 -7.02 -1.07 -21.75
N ASP A 410 -7.23 -0.04 -22.55
CA ASP A 410 -6.53 1.30 -22.42
CA ASP A 410 -6.45 1.20 -22.37
C ASP A 410 -7.00 2.31 -21.37
N ARG A 411 -7.72 1.78 -20.45
CA ARG A 411 -8.26 2.52 -19.39
C ARG A 411 -7.13 2.30 -18.44
N LYS A 412 -7.22 1.18 -17.76
CA LYS A 412 -6.30 0.74 -16.71
C LYS A 412 -4.82 1.11 -16.89
N THR A 413 -4.27 0.90 -18.07
CA THR A 413 -2.93 1.32 -18.41
C THR A 413 -2.67 2.76 -18.01
N LEU A 414 -3.38 3.68 -18.66
CA LEU A 414 -3.18 5.08 -18.36
C LEU A 414 -3.54 5.44 -16.93
N LEU A 415 -4.51 4.78 -16.36
CA LEU A 415 -4.86 5.03 -14.97
C LEU A 415 -3.68 4.72 -14.08
N SER A 416 -2.96 3.65 -14.40
CA SER A 416 -1.73 3.30 -13.69
C SER A 416 -0.52 3.93 -14.35
N ARG A 417 -0.69 4.66 -15.45
CA ARG A 417 0.41 5.40 -16.03
C ARG A 417 0.36 6.85 -15.63
N GLU A 418 -0.79 7.26 -15.13
CA GLU A 418 -1.03 8.60 -14.68
C GLU A 418 -0.32 8.65 -13.39
N ARG A 419 -0.52 7.61 -12.61
CA ARG A 419 0.10 7.60 -11.35
C ARG A 419 1.56 7.57 -11.55
N LEU A 420 2.04 7.03 -12.64
CA LEU A 420 3.49 6.93 -12.80
C LEU A 420 4.07 8.30 -12.99
N GLU A 421 3.46 9.04 -13.91
CA GLU A 421 3.89 10.40 -14.19
C GLU A 421 3.76 11.24 -12.93
N ARG A 422 2.65 11.13 -12.20
CA ARG A 422 2.48 11.89 -10.97
C ARG A 422 3.60 11.61 -10.03
N ALA A 423 3.93 10.34 -9.86
CA ALA A 423 4.96 9.95 -8.94
C ALA A 423 6.33 10.43 -9.39
N PHE A 424 6.57 10.41 -10.68
CA PHE A 424 7.83 10.95 -11.22
C PHE A 424 7.91 12.43 -10.89
N ARG A 425 6.87 13.19 -11.21
CA ARG A 425 6.84 14.61 -10.91
C ARG A 425 7.02 14.90 -9.45
N MET A 426 6.42 14.08 -8.60
CA MET A 426 6.52 14.29 -7.17
C MET A 426 7.95 14.05 -6.74
N PHE A 427 8.58 13.00 -7.26
CA PHE A 427 9.96 12.70 -6.90
C PHE A 427 10.92 13.77 -7.34
N ASP A 428 10.66 14.37 -8.48
CA ASP A 428 11.52 15.41 -9.06
C ASP A 428 11.19 16.74 -8.40
N SER A 429 11.60 16.86 -7.16
CA SER A 429 11.17 17.97 -6.29
C SER A 429 11.72 19.32 -6.69
N ASP A 430 12.88 19.33 -7.32
CA ASP A 430 13.47 20.59 -7.83
CA ASP A 430 13.47 20.60 -7.84
C ASP A 430 12.95 21.00 -9.24
N ASN A 431 11.94 20.26 -9.75
CA ASN A 431 11.40 20.43 -11.09
C ASN A 431 12.45 20.48 -12.21
N SER A 432 13.45 19.61 -12.12
CA SER A 432 14.55 19.62 -13.07
C SER A 432 14.13 18.91 -14.38
N GLY A 433 13.09 18.09 -14.27
CA GLY A 433 12.56 17.34 -15.38
C GLY A 433 13.24 16.01 -15.52
N LYS A 434 14.33 15.80 -14.77
CA LYS A 434 15.10 14.56 -14.86
C LYS A 434 15.50 13.93 -13.56
N ILE A 435 15.87 12.66 -13.64
CA ILE A 435 16.34 11.84 -12.55
C ILE A 435 17.76 11.41 -12.81
N SER A 436 18.63 11.56 -11.82
CA SER A 436 20.03 11.23 -11.99
C SER A 436 20.25 9.76 -11.80
N SER A 437 21.31 9.23 -12.38
CA SER A 437 21.51 7.79 -12.27
C SER A 437 21.75 7.42 -10.85
N THR A 438 22.24 8.34 -10.02
CA THR A 438 22.35 8.07 -8.57
C THR A 438 20.98 7.76 -7.99
N GLU A 439 20.03 8.65 -8.31
CA GLU A 439 18.64 8.47 -7.96
C GLU A 439 18.05 7.22 -8.57
N LEU A 440 18.33 6.93 -9.83
CA LEU A 440 17.85 5.67 -10.41
C LEU A 440 18.30 4.49 -9.59
N ALA A 441 19.57 4.49 -9.18
CA ALA A 441 20.10 3.36 -8.41
C ALA A 441 19.26 3.17 -7.15
N THR A 442 18.92 4.28 -6.52
CA THR A 442 18.17 4.24 -5.28
C THR A 442 16.80 3.70 -5.53
N ILE A 443 16.15 4.20 -6.56
CA ILE A 443 14.81 3.76 -6.91
C ILE A 443 14.77 2.29 -7.33
N PHE A 444 15.70 1.89 -8.18
CA PHE A 444 15.71 0.51 -8.64
C PHE A 444 16.17 -0.46 -7.57
N GLY A 445 16.98 0.01 -6.64
CA GLY A 445 17.38 -0.81 -5.51
C GLY A 445 16.19 -1.11 -4.61
N VAL A 446 15.45 -0.07 -4.29
CA VAL A 446 14.16 -0.18 -3.58
C VAL A 446 13.13 -1.07 -4.32
N SER A 447 13.09 -1.00 -5.64
CA SER A 447 12.18 -1.82 -6.46
C SER A 447 12.73 -3.22 -6.75
N ASP A 448 13.98 -3.43 -6.35
CA ASP A 448 14.65 -4.73 -6.45
C ASP A 448 14.78 -5.20 -7.90
N VAL A 449 15.20 -4.27 -8.74
CA VAL A 449 15.58 -4.57 -10.09
C VAL A 449 17.10 -4.58 -10.10
N ASP A 450 17.68 -5.70 -10.48
CA ASP A 450 19.12 -5.91 -10.41
C ASP A 450 19.89 -4.80 -11.17
N SER A 451 21.04 -4.45 -10.63
CA SER A 451 21.76 -3.26 -11.06
C SER A 451 22.22 -3.32 -12.52
N GLU A 452 22.84 -4.44 -12.85
CA GLU A 452 23.30 -4.73 -14.20
C GLU A 452 22.12 -4.71 -15.18
N THR A 453 20.95 -5.14 -14.71
CA THR A 453 19.81 -5.26 -15.58
C THR A 453 19.30 -3.89 -16.02
N TRP A 454 19.09 -2.97 -15.07
CA TRP A 454 18.56 -1.67 -15.46
C TRP A 454 19.53 -0.78 -16.28
N LYS A 455 20.84 -0.92 -16.10
CA LYS A 455 21.78 -0.11 -16.88
C LYS A 455 21.86 -0.59 -18.31
N SER A 456 21.78 -1.90 -18.48
CA SER A 456 21.79 -2.46 -19.82
C SER A 456 20.59 -1.84 -20.54
N VAL A 457 19.48 -1.71 -19.80
CA VAL A 457 18.25 -1.21 -20.39
C VAL A 457 18.36 0.26 -20.80
N LEU A 458 18.90 1.08 -19.90
CA LEU A 458 19.22 2.47 -20.17
C LEU A 458 20.01 2.65 -21.44
N SER A 459 21.09 1.87 -21.50
CA SER A 459 22.03 1.96 -22.57
C SER A 459 21.27 1.78 -23.87
N GLU A 460 20.26 0.93 -23.88
CA GLU A 460 19.48 0.72 -25.10
C GLU A 460 18.44 1.81 -25.42
N VAL A 461 17.92 2.48 -24.39
CA VAL A 461 16.93 3.56 -24.59
C VAL A 461 17.57 4.79 -25.20
N ASP A 462 18.65 5.23 -24.57
CA ASP A 462 19.42 6.39 -25.02
C ASP A 462 20.90 6.04 -24.99
N LYS A 463 21.43 5.68 -26.16
CA LYS A 463 22.83 5.31 -26.26
C LYS A 463 23.79 6.47 -25.91
N ASN A 464 23.32 7.71 -25.85
CA ASN A 464 24.21 8.86 -25.59
C ASN A 464 24.13 9.47 -24.21
N ASN A 465 23.32 8.87 -23.33
CA ASN A 465 22.91 9.60 -22.13
C ASN A 465 24.09 9.94 -21.20
N ASP A 466 23.84 10.95 -20.38
CA ASP A 466 24.85 11.54 -19.53
C ASP A 466 24.26 11.49 -18.13
N GLY A 467 23.94 10.27 -17.72
CA GLY A 467 23.59 10.00 -16.33
C GLY A 467 22.29 10.57 -15.80
N GLU A 468 21.33 10.78 -16.66
CA GLU A 468 20.03 11.21 -16.20
C GLU A 468 19.01 10.93 -17.25
N VAL A 469 17.78 10.75 -16.82
CA VAL A 469 16.64 10.45 -17.71
C VAL A 469 15.47 11.38 -17.43
N ASP A 470 14.70 11.72 -18.46
CA ASP A 470 13.46 12.44 -18.29
C ASP A 470 12.38 11.42 -18.14
N PHE A 471 11.14 11.89 -18.04
CA PHE A 471 10.07 10.99 -17.72
C PHE A 471 9.90 9.97 -18.82
N ASP A 472 9.96 10.42 -20.05
CA ASP A 472 9.71 9.50 -21.14
C ASP A 472 10.75 8.38 -21.21
N GLU A 473 12.02 8.74 -21.01
CA GLU A 473 13.10 7.79 -20.98
C GLU A 473 12.93 6.76 -19.85
N PHE A 474 12.57 7.25 -18.67
CA PHE A 474 12.33 6.38 -17.53
C PHE A 474 11.25 5.37 -17.86
N GLN A 475 10.13 5.89 -18.37
CA GLN A 475 9.04 5.04 -18.81
C GLN A 475 9.50 4.00 -19.83
N GLN A 476 10.27 4.43 -20.84
CA GLN A 476 10.78 3.48 -21.82
C GLN A 476 11.63 2.42 -21.12
N MET A 477 12.42 2.82 -20.11
CA MET A 477 13.19 1.83 -19.36
C MET A 477 12.26 0.78 -18.73
N LEU A 478 11.19 1.21 -18.08
CA LEU A 478 10.28 0.29 -17.44
C LEU A 478 9.66 -0.68 -18.43
N LEU A 479 9.34 -0.20 -19.62
CA LEU A 479 8.76 -1.04 -20.65
C LEU A 479 9.71 -2.10 -21.02
N LYS A 480 10.96 -1.76 -21.20
CA LYS A 480 11.96 -2.78 -21.50
C LYS A 480 12.14 -3.79 -20.36
N LEU A 481 12.00 -3.31 -19.14
CA LEU A 481 12.13 -4.16 -17.96
C LEU A 481 10.93 -5.04 -17.72
N CYS A 482 9.86 -4.87 -18.48
CA CYS A 482 8.75 -5.81 -18.45
C CYS A 482 8.51 -6.40 -19.82
N GLY A 483 9.62 -6.64 -20.51
CA GLY A 483 9.65 -7.46 -21.71
C GLY A 483 9.00 -6.84 -22.93
N ASN A 484 8.93 -5.51 -22.96
CA ASN A 484 8.44 -4.80 -24.13
C ASN A 484 9.51 -3.84 -24.51
O UW5 B . -5.06 0.47 0.99
C4 UW5 B . -5.45 1.67 0.28
C5 UW5 B . -4.24 2.26 -0.42
C6 UW5 B . -6.46 1.26 -0.65
C3 UW5 B . -6.06 2.72 1.27
N1 UW5 B . -7.06 2.26 2.21
C2 UW5 B . -8.07 2.99 2.76
N3 UW5 B . -8.35 4.27 2.49
C21 UW5 B . -9.37 4.71 3.20
N4 UW5 B . -10.09 4.06 4.13
C UW5 B . -9.80 2.77 4.39
N UW5 B . -10.50 2.14 5.34
N2 UW5 B . -7.06 0.97 2.73
C7 UW5 B . -8.05 0.92 3.60
C1 UW5 B . -8.74 2.15 3.67
C8 UW5 B . -8.27 -0.34 4.37
C20 UW5 B . -9.54 -0.76 4.67
C19 UW5 B . -9.76 -2.01 5.32
C11 UW5 B . -8.65 -2.80 5.66
C10 UW5 B . -7.35 -2.33 5.34
C9 UW5 B . -7.18 -1.13 4.71
C18 UW5 B . -11.05 -2.47 5.65
C17 UW5 B . -11.22 -3.65 6.32
C13 UW5 B . -10.12 -4.40 6.67
C12 UW5 B . -8.84 -4.02 6.34
O1 UW5 B . -10.11 -5.48 7.53
C14 UW5 B . -9.83 -5.07 8.90
C16 UW5 B . -8.48 -4.48 9.11
C15 UW5 B . -8.78 -5.84 9.55
#